data_6XJK
#
_entry.id   6XJK
#
_cell.length_a   45.043
_cell.length_b   57.633
_cell.length_c   61.175
_cell.angle_alpha   90.000
_cell.angle_beta   111.454
_cell.angle_gamma   90.000
#
_symmetry.space_group_name_H-M   'P 1 21 1'
#
loop_
_entity.id
_entity.type
_entity.pdbx_description
1 polymer 'Tyrosine-protein kinase JAK2'
2 non-polymer 4-({4-amino-6-[(1H-indol-5-yl)oxy]-1,3,5-triazin-2-yl}amino)benzene-1-sulfonamide
3 water water
#
_entity_poly.entity_id   1
_entity_poly.type   'polypeptide(L)'
_entity_poly.pdbx_seq_one_letter_code
;VFHKIRNEDLIFNESLGQGTFTKIFKGVRREVGDYGQLHETEVLLKVLDKAHRNYSESFFEAASMMSKLSHKHLVLNYGV
CVCGDENILVQEFVKFGSLDTYLKKNKNCINILWKLEVAKQLAAAMHFLEENTLIHGNVCAKNILLIREEDRKTGNPPFI
KLSDPGISITVLPKDILQERIPWVPPECIENPKNLNLATDKWSFGTTLWEICSGGDKPLSALDSQRKLQFYEDRHQLPAP
KAAELANLINNCMDYEPDHRPSFRAIIRDLNSLFTPDLVPRGSHHHHHH
;
_entity_poly.pdbx_strand_id   A
#
loop_
_chem_comp.id
_chem_comp.type
_chem_comp.name
_chem_comp.formula
V4D non-polymer 4-({4-amino-6-[(1H-indol-5-yl)oxy]-1,3,5-triazin-2-yl}amino)benzene-1-sulfonamide 'C17 H15 N7 O3 S'
#
# COMPACT_ATOMS: atom_id res chain seq x y z
N LYS A 4 0.61 21.54 -8.65
CA LYS A 4 0.23 21.63 -10.06
C LYS A 4 1.47 21.83 -10.94
N ILE A 5 2.01 20.72 -11.45
CA ILE A 5 3.30 20.70 -12.12
C ILE A 5 3.08 20.81 -13.62
N ARG A 6 4.01 21.50 -14.30
CA ARG A 6 3.88 21.75 -15.72
C ARG A 6 4.32 20.53 -16.52
N ASN A 7 3.56 20.20 -17.56
CA ASN A 7 3.97 19.15 -18.48
C ASN A 7 5.41 19.36 -18.94
N GLU A 8 5.79 20.61 -19.19
CA GLU A 8 7.08 20.96 -19.76
C GLU A 8 8.23 20.73 -18.79
N ASP A 9 7.93 20.59 -17.50
CA ASP A 9 8.95 20.35 -16.49
C ASP A 9 9.13 18.87 -16.17
N LEU A 10 8.35 17.99 -16.80
CA LEU A 10 8.44 16.55 -16.54
C LEU A 10 9.04 15.83 -17.73
N ILE A 11 9.95 14.90 -17.46
CA ILE A 11 10.53 14.02 -18.47
C ILE A 11 10.20 12.59 -18.08
N PHE A 12 9.48 11.89 -18.95
CA PHE A 12 9.14 10.48 -18.71
C PHE A 12 10.27 9.57 -19.14
N ASN A 13 10.69 8.69 -18.24
CA ASN A 13 11.67 7.66 -18.60
C ASN A 13 11.07 6.25 -18.47
N GLU A 14 11.80 5.30 -17.89
CA GLU A 14 11.45 3.90 -18.09
C GLU A 14 10.14 3.51 -17.39
N SER A 15 9.38 2.65 -18.05
CA SER A 15 8.19 2.09 -17.44
C SER A 15 8.59 1.21 -16.26
N LEU A 16 7.83 1.28 -15.18
CA LEU A 16 8.10 0.44 -14.02
C LEU A 16 6.93 -0.49 -13.71
N GLY A 17 6.05 -0.71 -14.66
CA GLY A 17 4.93 -1.59 -14.47
C GLY A 17 3.62 -0.83 -14.43
N GLN A 18 2.63 -1.46 -13.82
CA GLN A 18 1.28 -0.93 -13.77
C GLN A 18 0.66 -1.22 -12.41
N GLY A 19 -0.16 -0.28 -11.95
CA GLY A 19 -1.09 -0.53 -10.87
C GLY A 19 -2.48 -0.76 -11.42
N THR A 20 -3.47 -0.72 -10.52
CA THR A 20 -4.86 -0.85 -10.92
C THR A 20 -5.26 0.37 -11.75
N PHE A 21 -5.46 0.16 -13.06
CA PHE A 21 -5.87 1.19 -14.01
C PHE A 21 -4.85 2.31 -14.11
N THR A 22 -3.60 2.06 -13.75
CA THR A 22 -2.55 3.05 -13.85
C THR A 22 -1.33 2.46 -14.55
N LYS A 23 -0.51 3.36 -15.11
CA LYS A 23 0.79 3.02 -15.67
C LYS A 23 1.85 3.79 -14.89
N ILE A 24 2.95 3.12 -14.54
CA ILE A 24 3.97 3.64 -13.64
C ILE A 24 5.27 3.88 -14.41
N PHE A 25 5.90 5.04 -14.19
CA PHE A 25 7.14 5.41 -14.86
C PHE A 25 8.09 6.12 -13.90
N LYS A 26 9.37 5.79 -14.01
CA LYS A 26 10.41 6.64 -13.45
C LYS A 26 10.54 7.91 -14.30
N GLY A 27 10.82 9.04 -13.64
CA GLY A 27 10.94 10.29 -14.37
C GLY A 27 11.89 11.30 -13.75
N VAL A 28 11.91 12.52 -14.28
CA VAL A 28 12.71 13.62 -13.73
C VAL A 28 11.87 14.88 -13.79
N ARG A 29 11.85 15.61 -12.69
CA ARG A 29 11.17 16.90 -12.61
C ARG A 29 12.20 18.02 -12.49
N ARG A 30 12.10 19.00 -13.37
CA ARG A 30 12.91 20.21 -13.27
C ARG A 30 12.16 21.21 -12.40
N GLU A 31 12.82 21.73 -11.36
CA GLU A 31 12.14 22.58 -10.41
C GLU A 31 13.08 23.63 -9.84
N VAL A 32 12.52 24.77 -9.48
CA VAL A 32 13.21 25.71 -8.60
C VAL A 32 12.98 25.27 -7.16
N GLY A 33 14.06 24.94 -6.46
CA GLY A 33 14.00 24.52 -5.08
C GLY A 33 14.31 25.64 -4.10
N ASP A 34 14.63 25.24 -2.87
CA ASP A 34 14.95 26.20 -1.83
C ASP A 34 16.10 27.12 -2.27
N TYR A 35 16.07 28.35 -1.77
CA TYR A 35 17.06 29.38 -2.08
C TYR A 35 17.10 29.70 -3.57
N GLY A 36 16.06 29.31 -4.31
CA GLY A 36 16.03 29.48 -5.75
C GLY A 36 17.04 28.66 -6.54
N GLN A 37 17.64 27.63 -5.92
CA GLN A 37 18.52 26.74 -6.67
C GLN A 37 17.72 25.83 -7.62
N LEU A 38 18.29 25.55 -8.78
CA LEU A 38 17.61 24.76 -9.81
C LEU A 38 17.98 23.28 -9.60
N HIS A 39 16.96 22.44 -9.54
CA HIS A 39 17.08 21.01 -9.30
C HIS A 39 16.47 20.21 -10.44
N GLU A 40 17.06 19.05 -10.72
CA GLU A 40 16.40 18.02 -11.52
C GLU A 40 16.28 16.80 -10.62
N THR A 41 15.04 16.46 -10.26
CA THR A 41 14.73 15.49 -9.22
C THR A 41 14.11 14.23 -9.81
N GLU A 42 14.66 13.07 -9.45
CA GLU A 42 14.00 11.80 -9.79
C GLU A 42 12.60 11.76 -9.17
N VAL A 43 11.62 11.34 -9.97
CA VAL A 43 10.24 11.29 -9.50
C VAL A 43 9.60 9.99 -9.96
N LEU A 44 8.57 9.58 -9.23
CA LEU A 44 7.74 8.44 -9.59
C LEU A 44 6.44 9.01 -10.15
N LEU A 45 6.13 8.66 -11.39
CA LEU A 45 4.94 9.15 -12.08
C LEU A 45 3.92 8.03 -12.17
N LYS A 46 2.70 8.28 -11.71
CA LYS A 46 1.58 7.36 -11.88
C LYS A 46 0.57 8.00 -12.82
N VAL A 47 0.26 7.31 -13.90
CA VAL A 47 -0.59 7.81 -15.00
C VAL A 47 -1.86 6.96 -15.05
N LEU A 48 -3.00 7.61 -14.92
CA LEU A 48 -4.28 6.94 -15.18
C LEU A 48 -4.44 6.63 -16.66
N ASP A 49 -4.75 5.36 -16.97
CA ASP A 49 -5.15 4.98 -18.32
C ASP A 49 -6.21 5.92 -18.86
N LYS A 50 -6.04 6.37 -20.10
CA LYS A 50 -7.10 7.14 -20.74
C LYS A 50 -8.35 6.29 -20.88
N ALA A 51 -8.18 4.99 -21.15
CA ALA A 51 -9.27 4.04 -21.26
C ALA A 51 -10.02 3.83 -19.94
N HIS A 52 -9.59 4.46 -18.85
CA HIS A 52 -10.28 4.34 -17.56
C HIS A 52 -10.43 5.70 -16.92
N ARG A 53 -10.74 6.71 -17.74
CA ARG A 53 -10.86 8.09 -17.25
C ARG A 53 -11.99 8.26 -16.24
N ASN A 54 -12.94 7.32 -16.18
CA ASN A 54 -14.05 7.47 -15.24
C ASN A 54 -13.55 7.51 -13.79
N TYR A 55 -12.46 6.79 -13.49
CA TYR A 55 -11.93 6.68 -12.14
C TYR A 55 -11.01 7.84 -11.76
N SER A 56 -11.08 8.95 -12.48
CA SER A 56 -10.11 10.03 -12.29
C SER A 56 -10.23 10.64 -10.90
N GLU A 57 -11.43 11.11 -10.56
CA GLU A 57 -11.64 11.76 -9.28
C GLU A 57 -11.16 10.89 -8.13
N SER A 58 -11.51 9.61 -8.14
CA SER A 58 -11.28 8.78 -6.97
C SER A 58 -9.79 8.65 -6.64
N PHE A 59 -8.95 8.43 -7.67
CA PHE A 59 -7.53 8.22 -7.40
C PHE A 59 -6.88 9.47 -6.80
N PHE A 60 -7.06 10.61 -7.45
CA PHE A 60 -6.42 11.81 -6.96
C PHE A 60 -7.04 12.28 -5.65
N GLU A 61 -8.35 12.08 -5.47
CA GLU A 61 -8.95 12.27 -4.15
C GLU A 61 -8.23 11.44 -3.10
N ALA A 62 -7.84 10.21 -3.46
CA ALA A 62 -7.15 9.34 -2.51
C ALA A 62 -5.79 9.91 -2.15
N ALA A 63 -4.97 10.21 -3.16
CA ALA A 63 -3.64 10.75 -2.92
C ALA A 63 -3.70 12.09 -2.22
N SER A 64 -4.69 12.93 -2.57
CA SER A 64 -4.81 14.26 -1.98
C SER A 64 -5.16 14.19 -0.49
N MET A 65 -6.19 13.42 -0.14
CA MET A 65 -6.63 13.36 1.26
C MET A 65 -5.49 12.95 2.17
N MET A 66 -4.67 11.99 1.76
CA MET A 66 -3.57 11.57 2.61
C MET A 66 -2.44 12.59 2.63
N SER A 67 -2.18 13.26 1.50
CA SER A 67 -1.17 14.30 1.44
C SER A 67 -1.51 15.53 2.29
N LYS A 68 -2.75 15.68 2.74
CA LYS A 68 -3.02 16.71 3.74
C LYS A 68 -2.38 16.38 5.09
N LEU A 69 -1.92 15.15 5.29
CA LEU A 69 -1.26 14.71 6.51
C LEU A 69 0.22 14.45 6.21
N SER A 70 1.10 15.08 6.96
CA SER A 70 2.53 14.86 6.82
C SER A 70 2.99 13.91 7.92
N HIS A 71 3.75 12.89 7.55
CA HIS A 71 4.25 11.93 8.52
C HIS A 71 5.45 11.24 7.89
N LYS A 72 6.41 10.88 8.74
CA LYS A 72 7.67 10.31 8.26
C LYS A 72 7.49 8.95 7.59
N HIS A 73 6.37 8.26 7.84
CA HIS A 73 6.13 6.94 7.26
C HIS A 73 5.03 6.97 6.19
N LEU A 74 4.66 8.17 5.71
CA LEU A 74 3.75 8.31 4.58
C LEU A 74 4.49 8.93 3.40
N VAL A 75 4.25 8.36 2.21
CA VAL A 75 5.00 8.78 1.04
C VAL A 75 4.70 10.24 0.71
N LEU A 76 5.69 10.91 0.14
CA LEU A 76 5.53 12.31 -0.23
C LEU A 76 5.08 12.42 -1.68
N ASN A 77 3.98 13.13 -1.90
CA ASN A 77 3.49 13.47 -3.22
C ASN A 77 3.85 14.92 -3.52
N TYR A 78 4.53 15.15 -4.65
CA TYR A 78 4.90 16.51 -5.03
C TYR A 78 3.72 17.31 -5.56
N GLY A 79 2.82 16.64 -6.28
CA GLY A 79 1.68 17.32 -6.89
C GLY A 79 1.10 16.47 -8.01
N VAL A 80 0.25 17.11 -8.81
CA VAL A 80 -0.30 16.43 -9.98
C VAL A 80 0.01 17.27 -11.21
N CYS A 81 0.17 16.59 -12.34
CA CYS A 81 0.20 17.26 -13.63
C CYS A 81 -1.13 17.01 -14.34
N VAL A 82 -1.82 18.10 -14.70
CA VAL A 82 -2.91 18.03 -15.67
C VAL A 82 -2.24 18.01 -17.03
N CYS A 83 -1.60 16.87 -17.35
CA CYS A 83 -0.66 16.78 -18.47
C CYS A 83 -1.40 16.55 -19.80
N GLY A 84 -2.22 17.53 -20.17
CA GLY A 84 -2.96 17.46 -21.40
C GLY A 84 -4.15 16.51 -21.33
N ASP A 85 -4.03 15.35 -21.98
CA ASP A 85 -5.09 14.36 -21.99
C ASP A 85 -5.01 13.38 -20.81
N GLU A 86 -3.95 13.41 -20.02
CA GLU A 86 -3.74 12.46 -18.95
C GLU A 86 -3.54 13.18 -17.63
N ASN A 87 -4.04 12.58 -16.55
CA ASN A 87 -3.80 13.04 -15.19
C ASN A 87 -2.69 12.18 -14.58
N ILE A 88 -1.70 12.85 -13.97
CA ILE A 88 -0.49 12.18 -13.53
C ILE A 88 -0.17 12.63 -12.10
N LEU A 89 -0.02 11.66 -11.21
CA LEU A 89 0.50 11.91 -9.87
C LEU A 89 2.01 11.93 -9.91
N VAL A 90 2.60 12.97 -9.31
CA VAL A 90 4.06 13.12 -9.23
C VAL A 90 4.46 12.84 -7.79
N GLN A 91 5.28 11.81 -7.60
CA GLN A 91 5.59 11.28 -6.27
C GLN A 91 7.09 11.12 -6.10
N GLU A 92 7.56 11.23 -4.85
CA GLU A 92 8.96 10.95 -4.56
C GLU A 92 9.34 9.58 -5.10
N PHE A 93 10.56 9.48 -5.62
CA PHE A 93 11.08 8.20 -6.09
C PHE A 93 11.80 7.55 -4.92
N VAL A 94 11.34 6.36 -4.50
CA VAL A 94 11.87 5.71 -3.32
C VAL A 94 12.95 4.74 -3.78
N LYS A 95 14.13 4.81 -3.15
CA LYS A 95 15.32 4.22 -3.78
C LYS A 95 15.13 2.72 -4.08
N PHE A 96 14.60 1.95 -3.13
CA PHE A 96 14.60 0.50 -3.28
C PHE A 96 13.25 -0.08 -3.66
N GLY A 97 12.23 0.76 -3.88
CA GLY A 97 10.97 0.30 -4.43
C GLY A 97 10.06 -0.41 -3.42
N SER A 98 9.22 -1.29 -3.98
CA SER A 98 8.15 -1.98 -3.25
C SER A 98 8.70 -3.13 -2.41
N LEU A 99 8.05 -3.35 -1.26
CA LEU A 99 8.58 -4.32 -0.31
C LEU A 99 8.45 -5.75 -0.84
N ASP A 100 7.36 -6.06 -1.58
CA ASP A 100 7.13 -7.44 -1.97
C ASP A 100 8.19 -7.92 -2.95
N THR A 101 8.57 -7.07 -3.90
CA THR A 101 9.71 -7.36 -4.76
C THR A 101 10.98 -7.54 -3.94
N TYR A 102 11.17 -6.68 -2.93
CA TYR A 102 12.38 -6.75 -2.13
C TYR A 102 12.45 -8.04 -1.32
N LEU A 103 11.32 -8.46 -0.75
CA LEU A 103 11.28 -9.68 0.06
C LEU A 103 11.64 -10.91 -0.77
N LYS A 104 11.22 -10.96 -2.03
CA LYS A 104 11.49 -12.15 -2.82
C LYS A 104 12.97 -12.23 -3.19
N LYS A 105 13.53 -11.13 -3.70
CA LYS A 105 14.92 -11.14 -4.12
C LYS A 105 15.87 -11.33 -2.94
N ASN A 106 15.50 -10.84 -1.76
CA ASN A 106 16.38 -10.82 -0.59
C ASN A 106 15.94 -11.79 0.50
N LYS A 107 15.10 -12.78 0.14
CA LYS A 107 14.47 -13.63 1.15
C LYS A 107 15.49 -14.27 2.07
N ASN A 108 16.57 -14.80 1.51
CA ASN A 108 17.56 -15.55 2.27
C ASN A 108 18.43 -14.64 3.14
N CYS A 109 18.00 -13.41 3.37
CA CYS A 109 18.80 -12.47 4.18
C CYS A 109 17.96 -11.69 5.18
N ILE A 110 16.69 -12.04 5.35
CA ILE A 110 15.76 -11.28 6.19
C ILE A 110 15.40 -12.13 7.40
N ASN A 111 15.60 -11.56 8.59
CA ASN A 111 15.27 -12.26 9.83
C ASN A 111 14.11 -11.58 10.55
N ILE A 112 13.64 -12.25 11.60
CA ILE A 112 12.49 -11.75 12.38
C ILE A 112 12.77 -10.36 12.93
N LEU A 113 14.04 -10.02 13.18
CA LEU A 113 14.34 -8.68 13.68
C LEU A 113 14.06 -7.63 12.60
N TRP A 114 14.43 -7.92 11.35
CA TRP A 114 14.13 -7.02 10.24
C TRP A 114 12.62 -6.93 10.02
N LYS A 115 11.94 -8.08 9.92
CA LYS A 115 10.49 -8.11 9.81
C LYS A 115 9.79 -7.32 10.91
N LEU A 116 10.30 -7.42 12.14
CA LEU A 116 9.61 -6.75 13.24
C LEU A 116 9.72 -5.24 13.13
N GLU A 117 10.87 -4.73 12.69
CA GLU A 117 11.02 -3.28 12.55
C GLU A 117 10.09 -2.73 11.47
N VAL A 118 10.01 -3.43 10.35
CA VAL A 118 9.11 -3.06 9.27
C VAL A 118 7.66 -3.11 9.71
N ALA A 119 7.29 -4.16 10.48
CA ALA A 119 5.92 -4.25 11.00
C ALA A 119 5.61 -3.11 11.97
N LYS A 120 6.55 -2.81 12.88
CA LYS A 120 6.35 -1.71 13.83
C LYS A 120 6.22 -0.37 13.11
N GLN A 121 7.04 -0.15 12.10
CA GLN A 121 6.94 1.08 11.31
C GLN A 121 5.59 1.16 10.61
N LEU A 122 5.16 0.08 9.96
CA LEU A 122 3.86 0.10 9.28
C LEU A 122 2.73 0.36 10.26
N ALA A 123 2.72 -0.33 11.41
CA ALA A 123 1.72 -0.06 12.44
C ALA A 123 1.75 1.38 12.92
N ALA A 124 2.94 1.96 13.07
CA ALA A 124 3.02 3.36 13.49
C ALA A 124 2.33 4.26 12.47
N ALA A 125 2.58 4.01 11.19
CA ALA A 125 1.87 4.72 10.14
C ALA A 125 0.36 4.53 10.27
N MET A 126 -0.07 3.26 10.44
CA MET A 126 -1.50 2.98 10.56
C MET A 126 -2.10 3.58 11.84
N HIS A 127 -1.36 3.55 12.95
CA HIS A 127 -1.85 4.22 14.16
C HIS A 127 -2.10 5.72 13.91
N PHE A 128 -1.16 6.37 13.24
CA PHE A 128 -1.33 7.79 12.91
C PHE A 128 -2.59 8.00 12.06
N LEU A 129 -2.78 7.18 11.02
CA LEU A 129 -4.01 7.28 10.24
C LEU A 129 -5.23 7.03 11.11
N GLU A 130 -5.18 5.99 11.96
CA GLU A 130 -6.30 5.68 12.83
C GLU A 130 -6.65 6.86 13.74
N GLU A 131 -5.64 7.52 14.31
CA GLU A 131 -5.88 8.69 15.16
C GLU A 131 -6.56 9.82 14.39
N ASN A 132 -6.26 9.94 13.10
CA ASN A 132 -6.82 10.98 12.25
C ASN A 132 -8.10 10.52 11.54
N THR A 133 -8.66 9.38 11.94
CA THR A 133 -9.84 8.76 11.31
C THR A 133 -9.76 8.79 9.78
N LEU A 134 -8.63 8.37 9.24
CA LEU A 134 -8.44 8.31 7.80
C LEU A 134 -8.21 6.86 7.36
N ILE A 135 -9.03 6.41 6.43
CA ILE A 135 -8.99 5.04 5.93
C ILE A 135 -8.07 4.98 4.71
N HIS A 136 -7.08 4.07 4.74
CA HIS A 136 -6.21 3.88 3.58
C HIS A 136 -6.91 3.05 2.51
N GLY A 137 -7.26 1.80 2.84
CA GLY A 137 -8.08 0.97 1.98
C GLY A 137 -7.32 0.05 1.05
N ASN A 138 -6.00 0.13 1.02
CA ASN A 138 -5.21 -0.73 0.16
C ASN A 138 -3.83 -0.98 0.79
N VAL A 139 -3.84 -1.47 2.04
CA VAL A 139 -2.60 -1.85 2.71
C VAL A 139 -2.14 -3.20 2.17
N CYS A 140 -0.93 -3.22 1.63
CA CYS A 140 -0.35 -4.45 1.09
C CYS A 140 1.15 -4.22 0.90
N ALA A 141 1.87 -5.33 0.73
CA ALA A 141 3.33 -5.24 0.62
C ALA A 141 3.78 -4.44 -0.60
N LYS A 142 3.03 -4.53 -1.71
CA LYS A 142 3.35 -3.71 -2.88
C LYS A 142 3.32 -2.23 -2.53
N ASN A 143 2.51 -1.85 -1.56
CA ASN A 143 2.35 -0.43 -1.22
C ASN A 143 3.19 -0.01 -0.03
N ILE A 144 4.13 -0.86 0.39
CA ILE A 144 5.17 -0.46 1.32
C ILE A 144 6.45 -0.21 0.53
N LEU A 145 7.03 0.98 0.69
CA LEU A 145 8.21 1.41 -0.03
C LEU A 145 9.41 1.44 0.90
N LEU A 146 10.53 0.91 0.43
CA LEU A 146 11.73 0.74 1.23
C LEU A 146 12.67 1.93 0.94
N ILE A 147 12.74 2.86 1.91
CA ILE A 147 13.53 4.07 1.76
C ILE A 147 15.02 3.77 1.92
N ARG A 148 15.38 2.96 2.91
CA ARG A 148 16.77 2.56 3.06
C ARG A 148 16.85 1.15 3.61
N GLU A 149 17.90 0.45 3.22
CA GLU A 149 18.13 -0.92 3.64
C GLU A 149 18.71 -0.95 5.03
N GLU A 150 18.56 -2.10 5.68
CA GLU A 150 19.20 -2.33 6.96
C GLU A 150 20.71 -2.36 6.78
N ASP A 151 21.41 -1.75 7.73
CA ASP A 151 22.87 -1.86 7.81
C ASP A 151 23.27 -2.36 9.21
N ASN A 156 21.66 0.43 12.25
CA ASN A 156 20.68 1.20 11.48
C ASN A 156 19.66 0.27 10.83
N PRO A 157 18.39 0.46 11.18
CA PRO A 157 17.35 -0.47 10.72
C PRO A 157 16.88 -0.10 9.33
N PRO A 158 16.04 -0.92 8.70
CA PRO A 158 15.41 -0.48 7.46
C PRO A 158 14.41 0.63 7.76
N PHE A 159 14.03 1.36 6.70
CA PHE A 159 13.05 2.43 6.85
C PHE A 159 12.07 2.39 5.68
N ILE A 160 10.77 2.40 6.01
CA ILE A 160 9.71 2.24 5.02
C ILE A 160 8.75 3.42 5.08
N LYS A 161 7.99 3.56 3.98
CA LYS A 161 6.85 4.46 3.90
C LYS A 161 5.68 3.71 3.28
N LEU A 162 4.47 4.09 3.69
CA LEU A 162 3.24 3.62 3.07
C LEU A 162 2.91 4.51 1.88
N SER A 163 2.61 3.88 0.74
CA SER A 163 2.33 4.59 -0.48
C SER A 163 0.87 5.04 -0.49
N ASP A 164 0.47 5.70 -1.57
CA ASP A 164 -0.92 6.14 -1.66
C ASP A 164 -1.81 4.92 -1.93
N PRO A 165 -3.12 5.02 -1.66
CA PRO A 165 -3.95 3.83 -1.75
C PRO A 165 -4.43 3.49 -3.15
N GLY A 166 -4.41 4.44 -4.09
CA GLY A 166 -4.98 4.19 -5.40
C GLY A 166 -6.50 4.33 -5.39
N ILE A 167 -7.09 3.96 -6.52
CA ILE A 167 -8.54 4.04 -6.65
C ILE A 167 -9.20 3.24 -5.53
N SER A 168 -10.26 3.81 -4.96
CA SER A 168 -10.95 3.25 -3.81
C SER A 168 -11.71 1.98 -4.18
N ILE A 169 -11.65 0.98 -3.30
CA ILE A 169 -12.47 -0.22 -3.48
C ILE A 169 -13.95 0.11 -3.56
N THR A 170 -14.37 1.25 -3.01
CA THR A 170 -15.79 1.58 -3.01
C THR A 170 -16.30 1.97 -4.39
N VAL A 171 -15.43 2.08 -5.40
CA VAL A 171 -15.87 2.28 -6.78
C VAL A 171 -15.31 1.24 -7.72
N LEU A 172 -14.54 0.27 -7.23
CA LEU A 172 -13.88 -0.64 -8.16
C LEU A 172 -14.82 -1.75 -8.61
N PRO A 173 -14.62 -2.27 -9.81
CA PRO A 173 -15.44 -3.40 -10.28
C PRO A 173 -15.33 -4.58 -9.32
N LYS A 174 -16.45 -5.29 -9.18
CA LYS A 174 -16.52 -6.41 -8.24
C LYS A 174 -15.44 -7.46 -8.53
N ASP A 175 -15.16 -7.72 -9.81
CA ASP A 175 -14.14 -8.74 -10.13
C ASP A 175 -12.74 -8.32 -9.69
N ILE A 176 -12.44 -7.03 -9.71
CA ILE A 176 -11.18 -6.55 -9.15
C ILE A 176 -11.16 -6.79 -7.64
N LEU A 177 -12.25 -6.47 -6.96
CA LEU A 177 -12.34 -6.72 -5.51
C LEU A 177 -12.11 -8.18 -5.19
N GLN A 178 -12.74 -9.09 -5.96
CA GLN A 178 -12.59 -10.51 -5.69
C GLN A 178 -11.15 -10.97 -5.87
N GLU A 179 -10.45 -10.44 -6.88
CA GLU A 179 -9.05 -10.79 -7.08
C GLU A 179 -8.13 -10.24 -5.99
N ARG A 180 -8.58 -9.22 -5.26
CA ARG A 180 -7.80 -8.67 -4.14
C ARG A 180 -8.11 -9.35 -2.80
N ILE A 181 -8.93 -10.38 -2.81
CA ILE A 181 -8.97 -11.27 -1.65
C ILE A 181 -7.60 -11.93 -1.52
N PRO A 182 -7.03 -12.06 -0.31
CA PRO A 182 -7.59 -11.70 0.99
C PRO A 182 -7.10 -10.35 1.59
N TRP A 183 -6.67 -9.41 0.76
CA TRP A 183 -6.39 -8.07 1.27
C TRP A 183 -7.69 -7.34 1.55
N VAL A 184 -8.68 -7.56 0.71
CA VAL A 184 -9.97 -6.89 0.86
C VAL A 184 -10.80 -7.70 1.86
N PRO A 185 -11.33 -7.07 2.89
CA PRO A 185 -11.92 -7.82 4.01
C PRO A 185 -13.25 -8.42 3.63
N PRO A 186 -13.73 -9.43 4.37
CA PRO A 186 -14.99 -10.08 3.99
C PRO A 186 -16.16 -9.12 3.88
N GLU A 187 -16.29 -8.20 4.84
CA GLU A 187 -17.43 -7.29 4.84
C GLU A 187 -17.39 -6.35 3.62
N CYS A 188 -16.21 -6.09 3.06
CA CYS A 188 -16.17 -5.26 1.86
C CYS A 188 -16.54 -6.04 0.60
N ILE A 189 -16.24 -7.33 0.57
CA ILE A 189 -16.75 -8.19 -0.50
C ILE A 189 -18.28 -8.22 -0.45
N GLU A 190 -18.84 -8.34 0.75
CA GLU A 190 -20.29 -8.30 0.91
C GLU A 190 -20.86 -6.98 0.45
N ASN A 191 -20.16 -5.88 0.76
CA ASN A 191 -20.59 -4.55 0.36
C ASN A 191 -19.40 -3.59 0.41
N PRO A 192 -18.89 -3.14 -0.75
CA PRO A 192 -17.76 -2.20 -0.73
C PRO A 192 -18.00 -0.97 0.12
N LYS A 193 -19.26 -0.53 0.21
CA LYS A 193 -19.64 0.60 1.06
C LYS A 193 -19.50 0.31 2.54
N ASN A 194 -19.02 -0.89 2.91
CA ASN A 194 -18.70 -1.22 4.29
C ASN A 194 -17.29 -0.81 4.66
N LEU A 195 -16.59 -0.13 3.75
CA LEU A 195 -15.24 0.34 4.02
C LEU A 195 -15.22 1.17 5.29
N ASN A 196 -14.32 0.82 6.20
CA ASN A 196 -14.28 1.41 7.53
C ASN A 196 -12.84 1.42 8.02
N LEU A 197 -12.62 2.00 9.20
CA LEU A 197 -11.29 1.92 9.81
C LEU A 197 -10.87 0.46 10.02
N ALA A 198 -11.78 -0.37 10.51
CA ALA A 198 -11.49 -1.78 10.71
C ALA A 198 -11.04 -2.49 9.43
N THR A 199 -11.32 -1.91 8.25
CA THR A 199 -10.87 -2.52 6.99
C THR A 199 -9.35 -2.65 6.96
N ASP A 200 -8.65 -1.60 7.41
CA ASP A 200 -7.19 -1.58 7.33
C ASP A 200 -6.53 -2.52 8.32
N LYS A 201 -7.18 -2.81 9.47
CA LYS A 201 -6.65 -3.82 10.38
C LYS A 201 -6.61 -5.20 9.72
N TRP A 202 -7.68 -5.57 9.01
CA TRP A 202 -7.65 -6.85 8.28
C TRP A 202 -6.51 -6.87 7.26
N SER A 203 -6.48 -5.86 6.38
CA SER A 203 -5.42 -5.83 5.35
C SER A 203 -4.04 -5.75 5.98
N PHE A 204 -3.90 -5.07 7.12
CA PHE A 204 -2.61 -5.06 7.81
C PHE A 204 -2.20 -6.48 8.21
N GLY A 205 -3.16 -7.30 8.65
CA GLY A 205 -2.87 -8.70 8.92
C GLY A 205 -2.40 -9.45 7.68
N THR A 206 -3.10 -9.27 6.56
CA THR A 206 -2.67 -9.89 5.29
C THR A 206 -1.25 -9.49 4.92
N THR A 207 -0.87 -8.23 5.20
CA THR A 207 0.45 -7.71 4.81
C THR A 207 1.57 -8.31 5.67
N LEU A 208 1.31 -8.52 6.97
CA LEU A 208 2.23 -9.29 7.80
C LEU A 208 2.48 -10.68 7.25
N TRP A 209 1.43 -11.33 6.77
CA TRP A 209 1.60 -12.66 6.17
C TRP A 209 2.56 -12.58 4.99
N GLU A 210 2.33 -11.62 4.09
CA GLU A 210 3.27 -11.34 3.01
C GLU A 210 4.70 -11.16 3.53
N ILE A 211 4.88 -10.31 4.55
CA ILE A 211 6.21 -10.01 5.07
C ILE A 211 6.87 -11.25 5.65
N CYS A 212 6.08 -12.18 6.20
CA CYS A 212 6.63 -13.43 6.72
C CYS A 212 6.80 -14.49 5.66
N SER A 213 6.30 -14.27 4.43
CA SER A 213 6.25 -15.31 3.41
C SER A 213 7.13 -15.01 2.20
N GLY A 214 8.19 -14.24 2.42
CA GLY A 214 9.19 -14.00 1.39
C GLY A 214 8.65 -13.41 0.12
N GLY A 215 7.52 -12.72 0.16
CA GLY A 215 6.95 -12.18 -1.05
C GLY A 215 5.92 -13.05 -1.75
N ASP A 216 5.61 -14.23 -1.22
CA ASP A 216 4.51 -15.00 -1.75
C ASP A 216 3.19 -14.25 -1.57
N LYS A 217 2.23 -14.53 -2.45
CA LYS A 217 0.91 -13.92 -2.40
C LYS A 217 -0.08 -14.92 -1.85
N PRO A 218 -0.72 -14.63 -0.72
CA PRO A 218 -1.66 -15.59 -0.12
C PRO A 218 -2.81 -15.88 -1.06
N LEU A 219 -3.17 -17.17 -1.14
CA LEU A 219 -4.28 -17.66 -1.96
C LEU A 219 -4.07 -17.43 -3.45
N SER A 220 -2.82 -17.26 -3.90
CA SER A 220 -2.56 -17.04 -5.32
C SER A 220 -3.00 -18.23 -6.16
N ALA A 221 -2.95 -19.44 -5.60
CA ALA A 221 -3.42 -20.63 -6.33
C ALA A 221 -4.92 -20.68 -6.50
N LEU A 222 -5.67 -19.82 -5.83
CA LEU A 222 -7.14 -19.85 -5.89
C LEU A 222 -7.66 -18.83 -6.90
N ASP A 223 -8.50 -19.30 -7.83
CA ASP A 223 -9.18 -18.38 -8.74
C ASP A 223 -10.23 -17.59 -7.97
N SER A 224 -10.85 -16.62 -8.66
CA SER A 224 -11.70 -15.65 -7.96
C SER A 224 -12.92 -16.30 -7.31
N GLN A 225 -13.45 -17.38 -7.90
CA GLN A 225 -14.61 -18.04 -7.31
C GLN A 225 -14.20 -18.79 -6.04
N ARG A 226 -13.03 -19.42 -6.06
CA ARG A 226 -12.55 -20.10 -4.87
C ARG A 226 -12.16 -19.11 -3.77
N LYS A 227 -11.66 -17.94 -4.15
CA LYS A 227 -11.38 -16.91 -3.15
C LYS A 227 -12.67 -16.50 -2.45
N LEU A 228 -13.73 -16.27 -3.23
CA LEU A 228 -15.05 -16.01 -2.66
C LEU A 228 -15.48 -17.09 -1.67
N GLN A 229 -15.41 -18.37 -2.08
CA GLN A 229 -15.82 -19.45 -1.18
C GLN A 229 -14.88 -19.58 0.02
N PHE A 230 -13.68 -19.03 -0.06
CA PHE A 230 -12.77 -19.03 1.08
C PHE A 230 -13.33 -18.19 2.21
N TYR A 231 -13.83 -16.99 1.89
CA TYR A 231 -14.51 -16.18 2.89
C TYR A 231 -15.82 -16.84 3.32
N GLU A 232 -16.56 -17.42 2.36
CA GLU A 232 -17.84 -18.04 2.67
C GLU A 232 -17.71 -19.10 3.77
N ASP A 233 -16.64 -19.89 3.71
CA ASP A 233 -16.39 -20.93 4.70
C ASP A 233 -15.58 -20.44 5.89
N ARG A 234 -15.27 -19.14 5.97
CA ARG A 234 -14.63 -18.56 7.15
C ARG A 234 -13.25 -19.18 7.41
N HIS A 235 -12.50 -19.41 6.35
CA HIS A 235 -11.13 -19.88 6.50
C HIS A 235 -10.20 -18.72 6.89
N GLN A 236 -9.08 -19.07 7.52
CA GLN A 236 -7.97 -18.16 7.77
C GLN A 236 -6.78 -18.59 6.92
N LEU A 237 -5.79 -17.70 6.84
CA LEU A 237 -4.60 -18.01 6.08
C LEU A 237 -3.75 -19.03 6.85
N PRO A 238 -3.01 -19.89 6.15
CA PRO A 238 -2.08 -20.79 6.85
C PRO A 238 -0.95 -19.99 7.50
N ALA A 239 -0.47 -20.49 8.63
CA ALA A 239 0.67 -19.84 9.28
C ALA A 239 1.89 -19.97 8.38
N PRO A 240 2.65 -18.90 8.16
CA PRO A 240 3.90 -19.03 7.42
C PRO A 240 4.88 -19.94 8.17
N LYS A 241 5.77 -20.58 7.40
CA LYS A 241 6.81 -21.43 7.99
C LYS A 241 7.53 -20.69 9.11
N ALA A 242 7.87 -19.42 8.88
CA ALA A 242 8.29 -18.49 9.93
C ALA A 242 7.02 -17.96 10.55
N ALA A 243 6.59 -18.58 11.65
CA ALA A 243 5.27 -18.34 12.21
C ALA A 243 5.27 -17.36 13.37
N GLU A 244 6.33 -16.56 13.52
CA GLU A 244 6.47 -15.72 14.70
C GLU A 244 5.34 -14.70 14.80
N LEU A 245 4.72 -14.33 13.68
CA LEU A 245 3.64 -13.34 13.67
C LEU A 245 2.27 -13.94 13.42
N ALA A 246 2.15 -15.28 13.42
CA ALA A 246 0.92 -15.90 12.93
C ALA A 246 -0.28 -15.57 13.82
N ASN A 247 -0.08 -15.50 15.14
CA ASN A 247 -1.20 -15.15 16.02
C ASN A 247 -1.69 -13.73 15.74
N LEU A 248 -0.77 -12.77 15.59
CA LEU A 248 -1.17 -11.40 15.27
C LEU A 248 -1.90 -11.33 13.95
N ILE A 249 -1.38 -12.03 12.94
CA ILE A 249 -2.05 -12.11 11.64
C ILE A 249 -3.49 -12.56 11.82
N ASN A 250 -3.70 -13.65 12.55
CA ASN A 250 -5.06 -14.16 12.71
C ASN A 250 -5.92 -13.24 13.56
N ASN A 251 -5.34 -12.63 14.60
CA ASN A 251 -6.13 -11.69 15.40
C ASN A 251 -6.56 -10.48 14.59
N CYS A 252 -5.71 -10.04 13.65
CA CYS A 252 -6.06 -8.89 12.81
C CYS A 252 -7.10 -9.27 11.78
N MET A 253 -6.95 -10.44 11.13
CA MET A 253 -7.88 -10.92 10.14
C MET A 253 -9.05 -11.62 10.82
N ASP A 254 -9.78 -10.84 11.61
CA ASP A 254 -10.97 -11.32 12.30
C ASP A 254 -12.21 -11.05 11.45
N TYR A 255 -13.04 -12.08 11.25
CA TYR A 255 -14.25 -11.89 10.44
C TYR A 255 -15.24 -10.94 11.09
N GLU A 256 -15.13 -10.68 12.40
CA GLU A 256 -15.94 -9.64 13.02
C GLU A 256 -15.17 -8.32 13.01
N PRO A 257 -15.54 -7.35 12.17
CA PRO A 257 -14.78 -6.07 12.12
C PRO A 257 -14.63 -5.37 13.47
N ASP A 258 -15.66 -5.42 14.31
CA ASP A 258 -15.60 -4.74 15.60
C ASP A 258 -14.66 -5.41 16.58
N HIS A 259 -14.18 -6.62 16.29
CA HIS A 259 -13.28 -7.32 17.19
C HIS A 259 -11.81 -7.15 16.84
N ARG A 260 -11.49 -6.56 15.68
CA ARG A 260 -10.10 -6.42 15.29
C ARG A 260 -9.43 -5.39 16.20
N PRO A 261 -8.19 -5.63 16.63
CA PRO A 261 -7.57 -4.76 17.65
C PRO A 261 -7.16 -3.41 17.08
N SER A 262 -7.14 -2.40 17.96
CA SER A 262 -6.61 -1.10 17.57
C SER A 262 -5.12 -1.21 17.25
N PHE A 263 -4.61 -0.24 16.48
CA PHE A 263 -3.19 -0.30 16.15
C PHE A 263 -2.32 -0.03 17.38
N ARG A 264 -2.85 0.71 18.36
CA ARG A 264 -2.17 0.82 19.64
C ARG A 264 -1.97 -0.55 20.29
N ALA A 265 -3.01 -1.38 20.30
CA ALA A 265 -2.87 -2.74 20.81
C ALA A 265 -1.91 -3.55 19.95
N ILE A 266 -2.00 -3.40 18.62
CA ILE A 266 -1.11 -4.12 17.71
C ILE A 266 0.35 -3.75 18.00
N ILE A 267 0.63 -2.46 18.16
CA ILE A 267 2.01 -2.05 18.45
C ILE A 267 2.47 -2.63 19.78
N ARG A 268 1.59 -2.65 20.79
CA ARG A 268 1.97 -3.28 22.05
C ARG A 268 2.29 -4.76 21.84
N ASP A 269 1.49 -5.45 21.02
CA ASP A 269 1.77 -6.85 20.71
C ASP A 269 3.11 -7.00 19.98
N LEU A 270 3.40 -6.10 19.03
CA LEU A 270 4.67 -6.21 18.30
C LEU A 270 5.86 -5.99 19.24
N ASN A 271 5.73 -5.05 20.19
CA ASN A 271 6.79 -4.70 21.12
C ASN A 271 7.09 -5.81 22.12
N SER A 272 6.27 -6.85 22.20
CA SER A 272 6.51 -7.94 23.14
C SER A 272 6.90 -9.24 22.43
C4 V4D B . 11.48 0.42 -8.93
C5 V4D B . 12.81 0.20 -8.59
C6 V4D B . 13.43 0.97 -7.62
N1 V4D B . 9.03 4.57 -5.74
C7 V4D B . 12.72 1.98 -6.99
C8 V4D B . 7.24 2.76 -6.57
N2 V4D B . 10.68 3.25 -6.64
C9 V4D B . 5.10 1.67 -6.74
C10 V4D B . 4.77 1.29 -5.44
C11 V4D B . 3.45 1.01 -5.12
C12 V4D B . 2.48 1.14 -6.11
N3 V4D B . 13.48 -2.44 -8.59
C13 V4D B . 0.59 1.17 -7.30
C14 V4D B . 1.57 1.54 -8.16
C15 V4D B . 2.80 1.53 -7.42
N4 V4D B . 8.51 2.55 -6.92
N V4D B . 7.28 5.79 -4.87
C V4D B . 7.70 4.68 -5.50
O V4D B . 13.11 -1.28 -10.69
C1 V4D B . 9.35 3.47 -6.45
C16 V4D B . 4.14 1.81 -7.72
C2 V4D B . 11.39 2.21 -7.32
C3 V4D B . 10.78 1.44 -8.30
N5 V4D B . 1.12 0.92 -6.07
N6 V4D B . 6.76 3.78 -5.88
O1 V4D B . 15.10 -0.76 -9.33
O2 V4D B . 6.47 1.75 -7.02
S V4D B . 13.70 -1.09 -9.41
#